data_7F06
#
_entry.id   7F06
#
_cell.length_a   42.758
_cell.length_b   71.391
_cell.length_c   58.704
_cell.angle_alpha   90.000
_cell.angle_beta   105.113
_cell.angle_gamma   90.000
#
_symmetry.space_group_name_H-M   'P 1 21 1'
#
loop_
_entity.id
_entity.type
_entity.pdbx_description
1 polymer 'adenine phosphopsicosyltransferase'
2 non-polymer '[(2R,3S,4R,5R)-5-(6-aminopurin-9-yl)-5-(hydroxymethyl)-3,4-bis(oxidanyl)oxolan-2-yl]methyl dihydrogen phosphate'
3 non-polymer 'CALCIUM ION'
4 water water
#
_entity_poly.entity_id   1
_entity_poly.type   'polypeptide(L)'
_entity_poly.pdbx_seq_one_letter_code
;MGSSHHHHHHSSGLVPRGSHMTLTHTITIGDVRRELPIVRVADDARIAFLKLYGDVELTVACARALAGRMPADVDVIVGP
ETGGILLAHELAEHSGRPYVIARKKLRPNMVKPLRVPVQSIGTPGQQELFLGEDDAALIKGRRVAVVDEVISSGGTLKAL
HELVAAAGGTVQQVLTVATEGERRPDVESLLHLPVYTD
;
_entity_poly.pdbx_strand_id   A,B
#
loop_
_chem_comp.id
_chem_comp.type
_chem_comp.name
_chem_comp.formula
0TL non-polymer '[(2R,3S,4R,5R)-5-(6-aminopurin-9-yl)-5-(hydroxymethyl)-3,4-bis(oxidanyl)oxolan-2-yl]methyl dihydrogen phosphate' 'C11 H16 N5 O8 P'
CA non-polymer 'CALCIUM ION' 'Ca 2'
#
# COMPACT_ATOMS: atom_id res chain seq x y z
N GLY A 18 -15.00 13.29 32.09
CA GLY A 18 -15.63 12.00 31.86
C GLY A 18 -15.77 11.68 30.38
N SER A 19 -14.70 11.95 29.62
CA SER A 19 -14.67 11.66 28.20
C SER A 19 -13.23 11.62 27.74
N HIS A 20 -13.01 11.13 26.53
CA HIS A 20 -11.67 10.98 26.00
C HIS A 20 -11.30 12.17 25.13
N MET A 21 -9.99 12.39 25.00
CA MET A 21 -9.45 13.51 24.22
C MET A 21 -9.70 13.32 22.74
N THR A 22 -10.06 14.42 22.07
CA THR A 22 -10.10 14.46 20.61
C THR A 22 -9.25 15.62 20.13
N LEU A 23 -8.01 15.71 20.60
CA LEU A 23 -7.12 16.79 20.19
C LEU A 23 -6.50 16.49 18.83
N THR A 24 -6.23 17.55 18.06
CA THR A 24 -5.67 17.38 16.73
C THR A 24 -4.51 18.36 16.52
N HIS A 25 -3.71 18.03 15.51
CA HIS A 25 -2.53 18.79 15.09
C HIS A 25 -2.72 19.14 13.62
N THR A 26 -2.77 20.44 13.32
CA THR A 26 -3.06 20.90 11.97
C THR A 26 -1.83 20.81 11.08
N ILE A 27 -2.02 20.28 9.87
CA ILE A 27 -1.00 20.34 8.83
C ILE A 27 -1.62 20.94 7.59
N THR A 28 -0.76 21.52 6.76
CA THR A 28 -1.18 22.09 5.49
C THR A 28 -0.12 21.76 4.45
N ILE A 29 -0.51 21.02 3.41
CA ILE A 29 0.36 20.66 2.31
C ILE A 29 -0.15 21.43 1.09
N GLY A 30 0.56 22.48 0.73
CA GLY A 30 -0.01 23.43 -0.22
C GLY A 30 -1.24 24.04 0.42
N ASP A 31 -2.40 23.85 -0.20
CA ASP A 31 -3.66 24.23 0.42
C ASP A 31 -4.56 23.01 0.62
N VAL A 32 -3.96 21.90 1.00
CA VAL A 32 -4.69 20.76 1.58
C VAL A 32 -4.48 20.80 3.08
N ARG A 33 -5.55 21.10 3.83
CA ARG A 33 -5.48 21.20 5.28
C ARG A 33 -6.05 19.94 5.92
N ARG A 34 -5.36 19.43 6.94
CA ARG A 34 -5.82 18.25 7.67
C ARG A 34 -5.57 18.42 9.16
N GLU A 35 -6.47 17.85 9.95
CA GLU A 35 -6.36 17.82 11.42
C GLU A 35 -5.99 16.41 11.84
N LEU A 36 -4.74 16.22 12.22
CA LEU A 36 -4.26 14.90 12.56
C LEU A 36 -4.65 14.56 14.00
N PRO A 37 -5.28 13.41 14.24
CA PRO A 37 -5.66 13.07 15.61
C PRO A 37 -4.43 12.77 16.44
N ILE A 38 -4.40 13.28 17.67
CA ILE A 38 -3.27 13.06 18.57
C ILE A 38 -3.60 11.86 19.45
N VAL A 39 -2.94 10.74 19.19
CA VAL A 39 -3.35 9.45 19.73
C VAL A 39 -2.22 8.84 20.54
N ARG A 40 -2.60 8.08 21.57
CA ARG A 40 -1.62 7.48 22.46
C ARG A 40 -0.96 6.28 21.80
N VAL A 41 0.37 6.19 21.96
CA VAL A 41 1.14 5.09 21.38
C VAL A 41 2.07 4.43 22.39
N ALA A 42 2.17 4.97 23.60
CA ALA A 42 3.06 4.42 24.61
C ALA A 42 2.55 4.90 25.97
N ASP A 43 3.18 4.39 27.04
CA ASP A 43 2.82 4.80 28.39
C ASP A 43 2.80 6.32 28.51
N ASP A 44 3.74 6.99 27.86
CA ASP A 44 4.01 8.40 28.11
C ASP A 44 4.00 9.24 26.84
N ALA A 45 3.38 8.77 25.76
CA ALA A 45 3.54 9.47 24.49
C ALA A 45 2.28 9.40 23.62
N ARG A 46 1.97 10.52 22.98
CA ARG A 46 1.00 10.58 21.89
C ARG A 46 1.64 11.19 20.64
N ILE A 47 1.14 10.78 19.48
CA ILE A 47 1.64 11.31 18.21
C ILE A 47 0.45 11.79 17.38
N ALA A 48 0.71 12.79 16.53
CA ALA A 48 -0.25 13.27 15.55
C ALA A 48 -0.25 12.31 14.37
N PHE A 49 -1.31 11.50 14.25
CA PHE A 49 -1.25 10.35 13.35
C PHE A 49 -1.61 10.75 11.92
N LEU A 50 -0.70 10.46 11.00
CA LEU A 50 -0.87 10.77 9.59
C LEU A 50 -1.49 9.58 8.87
N LYS A 51 -2.62 9.80 8.20
CA LYS A 51 -3.36 8.71 7.53
C LYS A 51 -3.48 8.99 6.04
N LEU A 52 -2.55 8.45 5.24
CA LEU A 52 -2.67 8.56 3.79
C LEU A 52 -3.74 7.64 3.21
N TYR A 53 -3.95 6.47 3.81
CA TYR A 53 -5.01 5.56 3.38
C TYR A 53 -6.36 6.28 3.35
N GLY A 54 -7.08 6.16 2.24
CA GLY A 54 -8.40 6.78 2.18
C GLY A 54 -8.41 8.25 1.87
N ASP A 55 -7.26 8.85 1.51
CA ASP A 55 -7.19 10.29 1.31
C ASP A 55 -6.40 10.59 0.03
N VAL A 56 -7.08 10.49 -1.12
CA VAL A 56 -6.41 10.75 -2.40
C VAL A 56 -5.84 12.16 -2.42
N GLU A 57 -6.63 13.15 -1.99
CA GLU A 57 -6.19 14.55 -2.07
C GLU A 57 -4.89 14.77 -1.29
N LEU A 58 -4.82 14.26 -0.06
CA LEU A 58 -3.60 14.42 0.75
C LEU A 58 -2.45 13.64 0.15
N THR A 59 -2.71 12.41 -0.30
CA THR A 59 -1.66 11.58 -0.89
C THR A 59 -1.04 12.26 -2.11
N VAL A 60 -1.89 12.72 -3.02
CA VAL A 60 -1.40 13.35 -4.23
C VAL A 60 -0.71 14.66 -3.91
N ALA A 61 -1.21 15.44 -2.94
CA ALA A 61 -0.54 16.69 -2.60
C ALA A 61 0.85 16.43 -2.00
N CYS A 62 0.96 15.46 -1.09
CA CYS A 62 2.27 15.11 -0.53
C CYS A 62 3.24 14.67 -1.62
N ALA A 63 2.80 13.75 -2.48
CA ALA A 63 3.66 13.26 -3.55
C ALA A 63 4.09 14.38 -4.51
N ARG A 64 3.17 15.30 -4.81
CA ARG A 64 3.54 16.42 -5.68
C ARG A 64 4.58 17.31 -5.03
N ALA A 65 4.36 17.67 -3.75
CA ALA A 65 5.34 18.48 -3.03
C ALA A 65 6.70 17.81 -2.97
N LEU A 66 6.73 16.50 -2.70
CA LEU A 66 8.02 15.83 -2.59
C LEU A 66 8.70 15.70 -3.96
N ALA A 67 7.92 15.46 -5.02
CA ALA A 67 8.51 15.41 -6.36
C ALA A 67 9.15 16.74 -6.73
N GLY A 68 8.55 17.85 -6.31
CA GLY A 68 9.17 19.14 -6.51
C GLY A 68 10.57 19.24 -5.95
N ARG A 69 10.90 18.41 -4.98
CA ARG A 69 12.19 18.43 -4.30
C ARG A 69 13.12 17.31 -4.74
N MET A 70 12.67 16.46 -5.66
CA MET A 70 13.49 15.33 -6.09
C MET A 70 14.31 15.73 -7.31
N PRO A 71 15.63 15.80 -7.20
CA PRO A 71 16.44 16.28 -8.32
C PRO A 71 16.48 15.31 -9.50
N ALA A 72 16.89 15.85 -10.65
CA ALA A 72 16.96 15.06 -11.88
C ALA A 72 17.96 13.91 -11.78
N ASP A 73 18.90 13.97 -10.83
CA ASP A 73 19.89 12.91 -10.67
C ASP A 73 19.28 11.59 -10.26
N VAL A 74 18.11 11.62 -9.61
CA VAL A 74 17.54 10.40 -9.02
C VAL A 74 17.08 9.47 -10.12
N ASP A 75 17.58 8.24 -10.10
CA ASP A 75 17.17 7.19 -11.04
C ASP A 75 15.95 6.40 -10.60
N VAL A 76 15.84 6.05 -9.33
CA VAL A 76 14.80 5.10 -8.92
C VAL A 76 14.31 5.45 -7.51
N ILE A 77 13.02 5.21 -7.26
CA ILE A 77 12.40 5.47 -5.96
C ILE A 77 12.22 4.15 -5.23
N VAL A 78 12.54 4.12 -3.94
CA VAL A 78 12.42 2.91 -3.12
C VAL A 78 11.65 3.24 -1.85
N GLY A 79 10.59 2.50 -1.58
CA GLY A 79 9.82 2.72 -0.37
C GLY A 79 9.48 1.40 0.29
N PRO A 80 9.20 1.43 1.62
CA PRO A 80 8.82 0.23 2.30
C PRO A 80 7.33 -0.12 2.29
N GLU A 81 7.01 -1.40 2.41
CA GLU A 81 5.62 -1.82 2.66
C GLU A 81 5.43 -1.58 4.17
N THR A 82 4.44 -0.80 4.58
CA THR A 82 3.32 -0.26 3.78
C THR A 82 3.45 1.25 3.62
N GLY A 83 4.26 1.88 4.46
CA GLY A 83 4.36 3.36 4.51
C GLY A 83 4.87 4.04 3.25
N GLY A 84 5.48 3.30 2.35
CA GLY A 84 5.92 3.96 1.15
C GLY A 84 5.12 3.59 -0.08
N ILE A 85 4.05 2.80 0.06
CA ILE A 85 3.39 2.29 -1.14
C ILE A 85 2.72 3.44 -1.92
N LEU A 86 1.82 4.17 -1.26
CA LEU A 86 1.07 5.22 -1.95
C LEU A 86 1.99 6.33 -2.42
N LEU A 87 2.96 6.71 -1.58
CA LEU A 87 3.84 7.83 -1.91
C LEU A 87 4.78 7.46 -3.04
N ALA A 88 5.40 6.28 -2.98
CA ALA A 88 6.26 5.87 -4.08
C ALA A 88 5.49 5.77 -5.38
N HIS A 89 4.29 5.18 -5.35
CA HIS A 89 3.50 5.08 -6.58
C HIS A 89 3.20 6.45 -7.17
N GLU A 90 2.75 7.40 -6.34
CA GLU A 90 2.40 8.73 -6.86
C GLU A 90 3.64 9.54 -7.24
N LEU A 91 4.75 9.38 -6.51
CA LEU A 91 6.01 10.01 -6.94
C LEU A 91 6.45 9.49 -8.28
N ALA A 92 6.36 8.18 -8.48
CA ALA A 92 6.74 7.59 -9.75
C ALA A 92 5.80 8.04 -10.87
N GLU A 93 4.50 8.11 -10.58
CA GLU A 93 3.56 8.56 -11.59
C GLU A 93 3.80 10.02 -11.96
N HIS A 94 4.17 10.85 -10.99
CA HIS A 94 4.39 12.27 -11.28
C HIS A 94 5.70 12.48 -12.03
N SER A 95 6.76 11.78 -11.63
CA SER A 95 8.10 12.06 -12.10
C SER A 95 8.52 11.24 -13.31
N GLY A 96 7.87 10.10 -13.57
CA GLY A 96 8.31 9.18 -14.59
C GLY A 96 9.38 8.20 -14.16
N ARG A 97 9.94 8.35 -12.96
CA ARG A 97 10.96 7.41 -12.51
C ARG A 97 10.34 6.07 -12.10
N PRO A 98 11.07 4.97 -12.31
CA PRO A 98 10.62 3.69 -11.76
C PRO A 98 10.71 3.68 -10.24
N TYR A 99 10.01 2.72 -9.64
CA TYR A 99 10.01 2.59 -8.19
C TYR A 99 9.95 1.13 -7.80
N VAL A 100 10.37 0.89 -6.56
CA VAL A 100 10.48 -0.44 -5.98
C VAL A 100 9.95 -0.38 -4.56
N ILE A 101 9.16 -1.38 -4.18
CA ILE A 101 8.66 -1.52 -2.82
C ILE A 101 9.44 -2.66 -2.15
N ALA A 102 10.07 -2.35 -1.01
CA ALA A 102 10.66 -3.37 -0.14
C ALA A 102 9.56 -3.99 0.72
N ARG A 103 9.36 -5.29 0.56
CA ARG A 103 8.25 -5.97 1.22
C ARG A 103 8.61 -6.40 2.63
N LYS A 104 7.57 -6.52 3.46
CA LYS A 104 7.64 -6.96 4.85
C LYS A 104 7.60 -8.47 5.00
N LYS A 105 7.14 -9.20 3.98
CA LYS A 105 6.98 -10.64 3.99
C LYS A 105 7.64 -11.23 2.75
N LEU A 106 8.10 -12.47 2.88
CA LEU A 106 8.50 -13.23 1.71
C LEU A 106 7.28 -13.57 0.86
N ARG A 107 7.39 -13.38 -0.45
CA ARG A 107 6.37 -13.74 -1.41
C ARG A 107 6.95 -14.78 -2.37
N PRO A 108 6.09 -15.56 -3.05
CA PRO A 108 6.61 -16.65 -3.91
C PRO A 108 7.39 -16.17 -5.12
N ASN A 109 7.12 -14.96 -5.63
CA ASN A 109 7.87 -14.41 -6.76
C ASN A 109 9.25 -13.92 -6.38
N MET A 110 9.63 -14.03 -5.10
CA MET A 110 10.94 -13.61 -4.65
C MET A 110 11.90 -14.79 -4.73
N VAL A 111 12.90 -14.67 -5.60
CA VAL A 111 13.99 -15.64 -5.64
C VAL A 111 15.24 -14.97 -5.11
N LYS A 112 15.99 -15.70 -4.28
CA LYS A 112 17.23 -15.22 -3.70
C LYS A 112 17.07 -13.85 -3.03
N PRO A 113 16.15 -13.70 -2.09
CA PRO A 113 15.87 -12.36 -1.56
C PRO A 113 16.99 -11.84 -0.66
N LEU A 114 17.27 -10.54 -0.81
CA LEU A 114 17.95 -9.77 0.22
C LEU A 114 16.99 -9.49 1.36
N ARG A 115 17.53 -9.48 2.58
CA ARG A 115 16.75 -9.34 3.80
C ARG A 115 17.53 -8.49 4.80
N VAL A 116 16.84 -7.59 5.49
CA VAL A 116 17.45 -6.85 6.60
C VAL A 116 16.48 -6.77 7.76
N PRO A 117 17.00 -6.77 8.98
CA PRO A 117 16.15 -6.55 10.14
C PRO A 117 15.88 -5.06 10.29
N VAL A 118 14.68 -4.75 10.77
CA VAL A 118 14.29 -3.37 11.06
C VAL A 118 14.38 -3.15 12.56
N GLN A 119 15.24 -2.23 12.98
CA GLN A 119 15.32 -1.89 14.40
C GLN A 119 14.02 -1.24 14.85
N SER A 120 13.42 -1.77 15.90
CA SER A 120 12.15 -1.26 16.39
C SER A 120 12.09 -1.45 17.90
N ILE A 121 11.57 -0.43 18.58
CA ILE A 121 11.48 -0.43 20.04
C ILE A 121 10.25 -1.20 20.50
N GLY A 122 9.15 -1.12 19.75
CA GLY A 122 7.90 -1.69 20.19
C GLY A 122 7.90 -3.20 20.22
N THR A 123 8.62 -3.82 19.28
CA THR A 123 8.82 -5.26 19.29
C THR A 123 10.01 -5.62 18.41
N PRO A 124 11.18 -5.84 19.02
CA PRO A 124 12.40 -6.12 18.24
C PRO A 124 12.43 -7.47 17.54
N GLY A 125 13.49 -7.67 16.74
CA GLY A 125 13.76 -8.95 16.11
C GLY A 125 12.85 -9.31 14.94
N GLN A 126 11.54 -9.15 15.15
CA GLN A 126 10.56 -9.65 14.18
C GLN A 126 10.66 -8.90 12.86
N GLN A 127 10.72 -7.56 12.92
CA GLN A 127 10.52 -6.71 11.75
C GLN A 127 11.63 -6.89 10.73
N GLU A 128 11.24 -7.04 9.45
CA GLU A 128 12.15 -7.32 8.35
C GLU A 128 11.68 -6.61 7.09
N LEU A 129 12.64 -6.26 6.23
CA LEU A 129 12.34 -5.83 4.87
C LEU A 129 13.13 -6.68 3.88
N PHE A 130 12.51 -6.96 2.72
CA PHE A 130 13.03 -7.88 1.71
C PHE A 130 13.08 -7.21 0.33
N LEU A 131 14.07 -7.61 -0.48
CA LEU A 131 14.09 -7.34 -1.91
C LEU A 131 14.27 -8.65 -2.65
N GLY A 132 13.36 -8.94 -3.59
CA GLY A 132 13.60 -10.03 -4.51
C GLY A 132 14.71 -9.70 -5.48
N GLU A 133 15.26 -10.71 -6.14
CA GLU A 133 16.40 -10.40 -6.99
C GLU A 133 15.99 -9.53 -8.17
N ASP A 134 14.71 -9.53 -8.56
CA ASP A 134 14.28 -8.61 -9.60
C ASP A 134 14.29 -7.16 -9.10
N ASP A 135 13.70 -6.91 -7.92
CA ASP A 135 13.79 -5.59 -7.28
C ASP A 135 15.25 -5.14 -7.18
N ALA A 136 16.10 -6.05 -6.69
CA ALA A 136 17.51 -5.73 -6.49
C ALA A 136 18.18 -5.37 -7.82
N ALA A 137 17.91 -6.16 -8.86
CA ALA A 137 18.45 -5.88 -10.18
C ALA A 137 18.01 -4.51 -10.68
N LEU A 138 16.83 -4.05 -10.24
CA LEU A 138 16.40 -2.71 -10.58
C LEU A 138 17.07 -1.63 -9.75
N ILE A 139 17.67 -1.98 -8.61
CA ILE A 139 18.34 -0.95 -7.82
C ILE A 139 19.85 -0.87 -8.11
N LYS A 140 20.48 -2.02 -8.38
CA LYS A 140 21.93 -2.09 -8.57
C LYS A 140 22.47 -1.02 -9.51
N GLY A 141 23.39 -0.20 -8.99
CA GLY A 141 24.07 0.79 -9.79
C GLY A 141 23.35 2.11 -9.99
N ARG A 142 22.22 2.33 -9.32
CA ARG A 142 21.42 3.52 -9.55
C ARG A 142 21.45 4.45 -8.35
N ARG A 143 21.20 5.73 -8.62
CA ARG A 143 20.90 6.72 -7.59
C ARG A 143 19.44 6.54 -7.12
N VAL A 144 19.26 6.42 -5.81
CA VAL A 144 17.99 6.05 -5.20
C VAL A 144 17.46 7.21 -4.36
N ALA A 145 16.18 7.54 -4.53
CA ALA A 145 15.46 8.31 -3.53
C ALA A 145 14.64 7.35 -2.67
N VAL A 146 14.96 7.30 -1.36
CA VAL A 146 14.19 6.52 -0.39
C VAL A 146 13.02 7.37 0.11
N VAL A 147 11.82 6.78 0.16
CA VAL A 147 10.62 7.52 0.57
C VAL A 147 9.86 6.70 1.62
N ASP A 148 9.34 7.37 2.65
CA ASP A 148 8.43 6.73 3.59
C ASP A 148 7.58 7.84 4.20
N GLU A 149 6.38 7.47 4.68
CA GLU A 149 5.41 8.50 5.05
C GLU A 149 5.89 9.33 6.23
N VAL A 150 6.47 8.71 7.25
CA VAL A 150 6.95 9.40 8.43
C VAL A 150 8.25 8.74 8.88
N ILE A 151 9.20 9.56 9.33
CA ILE A 151 10.42 9.06 9.94
C ILE A 151 10.35 9.41 11.42
N SER A 152 10.40 8.40 12.29
CA SER A 152 10.27 8.62 13.71
C SER A 152 11.59 8.21 14.34
N SER A 153 11.78 6.94 14.73
CA SER A 153 13.08 6.55 15.28
C SER A 153 14.16 6.47 14.21
N GLY A 154 13.77 6.23 12.96
CA GLY A 154 14.73 6.05 11.89
C GLY A 154 15.15 4.62 11.65
N GLY A 155 14.61 3.67 12.41
CA GLY A 155 14.89 2.27 12.16
C GLY A 155 14.52 1.85 10.76
N THR A 156 13.29 2.16 10.33
CA THR A 156 12.88 1.81 8.97
C THR A 156 13.84 2.39 7.95
N LEU A 157 14.20 3.67 8.12
CA LEU A 157 15.08 4.36 7.18
C LEU A 157 16.46 3.71 7.14
N LYS A 158 17.02 3.37 8.30
CA LYS A 158 18.31 2.66 8.32
C LYS A 158 18.21 1.32 7.61
N ALA A 159 17.13 0.55 7.85
CA ALA A 159 16.98 -0.73 7.15
C ALA A 159 16.93 -0.54 5.63
N LEU A 160 16.24 0.52 5.18
CA LEU A 160 16.20 0.80 3.75
C LEU A 160 17.57 1.21 3.22
N HIS A 161 18.32 1.99 3.98
CA HIS A 161 19.70 2.28 3.57
C HIS A 161 20.46 0.97 3.39
N GLU A 162 20.28 0.04 4.32
CA GLU A 162 21.09 -1.19 4.28
C GLU A 162 20.68 -2.05 3.10
N LEU A 163 19.38 -2.10 2.81
CA LEU A 163 18.88 -2.88 1.68
C LEU A 163 19.35 -2.29 0.35
N VAL A 164 19.30 -0.96 0.23
CA VAL A 164 19.77 -0.31 -0.98
C VAL A 164 21.27 -0.54 -1.16
N ALA A 165 22.05 -0.42 -0.08
CA ALA A 165 23.48 -0.72 -0.18
C ALA A 165 23.70 -2.17 -0.58
N ALA A 166 22.96 -3.11 0.04
CA ALA A 166 23.17 -4.52 -0.26
C ALA A 166 22.84 -4.85 -1.71
N ALA A 167 21.94 -4.08 -2.32
CA ALA A 167 21.54 -4.30 -3.70
C ALA A 167 22.44 -3.60 -4.72
N GLY A 168 23.38 -2.76 -4.27
CA GLY A 168 24.32 -2.13 -5.16
C GLY A 168 23.98 -0.72 -5.55
N GLY A 169 22.95 -0.11 -4.94
CA GLY A 169 22.58 1.26 -5.24
C GLY A 169 23.15 2.22 -4.20
N THR A 170 22.92 3.50 -4.47
CA THR A 170 23.37 4.58 -3.61
C THR A 170 22.16 5.45 -3.25
N VAL A 171 21.95 5.67 -1.95
CA VAL A 171 20.87 6.56 -1.52
C VAL A 171 21.32 7.99 -1.76
N GLN A 172 20.69 8.67 -2.72
CA GLN A 172 21.00 10.07 -2.96
C GLN A 172 20.13 11.02 -2.16
N GLN A 173 18.91 10.61 -1.83
CA GLN A 173 17.96 11.51 -1.19
C GLN A 173 17.00 10.69 -0.36
N VAL A 174 16.54 11.26 0.74
CA VAL A 174 15.48 10.68 1.57
C VAL A 174 14.29 11.64 1.54
N LEU A 175 13.13 11.11 1.20
CA LEU A 175 11.90 11.88 1.10
C LEU A 175 10.90 11.36 2.12
N THR A 176 10.20 12.26 2.80
CA THR A 176 9.19 11.85 3.76
C THR A 176 8.19 12.97 3.92
N VAL A 177 6.95 12.63 4.28
CA VAL A 177 6.00 13.67 4.61
C VAL A 177 6.42 14.37 5.89
N ALA A 178 6.83 13.62 6.91
CA ALA A 178 7.17 14.23 8.18
C ALA A 178 8.33 13.50 8.87
N THR A 179 9.22 14.30 9.45
CA THR A 179 10.04 13.80 10.55
C THR A 179 9.23 13.92 11.83
N GLU A 180 9.62 13.14 12.83
CA GLU A 180 8.85 13.08 14.07
C GLU A 180 9.78 12.83 15.24
N GLY A 181 9.69 13.68 16.27
CA GLY A 181 10.62 13.54 17.38
C GLY A 181 11.89 14.32 17.12
N GLU A 182 12.95 13.65 16.70
CA GLU A 182 14.15 14.37 16.27
C GLU A 182 13.92 15.03 14.92
N ARG A 183 14.44 16.24 14.76
CA ARG A 183 14.53 16.84 13.45
C ARG A 183 15.72 16.27 12.69
N ARG A 184 15.59 16.20 11.38
CA ARG A 184 16.57 15.53 10.53
C ARG A 184 16.92 16.43 9.36
N PRO A 185 18.04 17.16 9.45
CA PRO A 185 18.41 18.06 8.35
C PRO A 185 18.93 17.33 7.12
N ASP A 186 19.37 16.08 7.22
CA ASP A 186 19.78 15.32 6.04
C ASP A 186 18.59 14.72 5.30
N VAL A 187 17.38 15.03 5.73
CA VAL A 187 16.15 14.46 5.17
C VAL A 187 15.36 15.57 4.50
N GLU A 188 14.78 15.26 3.35
CA GLU A 188 13.83 16.16 2.71
C GLU A 188 12.43 15.83 3.22
N SER A 189 11.89 16.69 4.07
CA SER A 189 10.59 16.44 4.68
C SER A 189 9.67 17.61 4.38
N LEU A 190 8.37 17.34 4.44
CA LEU A 190 7.40 18.41 4.24
C LEU A 190 7.11 19.20 5.51
N LEU A 191 7.29 18.57 6.68
CA LEU A 191 7.01 19.21 7.97
C LEU A 191 7.64 18.38 9.07
N HIS A 192 7.60 18.92 10.30
CA HIS A 192 8.06 18.21 11.48
C HIS A 192 6.90 18.04 12.43
N LEU A 193 6.73 16.82 12.94
CA LEU A 193 5.69 16.54 13.92
C LEU A 193 6.32 16.42 15.29
N PRO A 194 5.92 17.24 16.26
CA PRO A 194 6.37 17.01 17.63
C PRO A 194 5.79 15.72 18.16
N VAL A 195 6.44 15.20 19.19
CA VAL A 195 5.89 14.10 19.99
C VAL A 195 5.27 14.72 21.24
N TYR A 196 4.07 14.29 21.60
CA TYR A 196 3.32 14.86 22.71
C TYR A 196 3.37 13.92 23.94
N THR A 197 3.05 14.45 25.12
CA THR A 197 2.95 13.58 26.29
C THR A 197 1.74 12.69 26.13
N ASP A 198 1.60 11.70 27.00
CA ASP A 198 0.35 10.93 27.11
C ASP A 198 -0.76 11.85 27.60
N SER B 19 20.22 -21.03 -19.25
CA SER B 19 19.89 -22.45 -19.38
C SER B 19 18.38 -22.68 -19.50
N HIS B 20 17.71 -23.01 -18.40
CA HIS B 20 16.28 -23.32 -18.43
C HIS B 20 15.49 -22.05 -18.10
N MET B 21 14.80 -21.51 -19.11
CA MET B 21 14.03 -20.29 -18.94
C MET B 21 12.82 -20.53 -18.05
N THR B 22 12.50 -19.55 -17.22
CA THR B 22 11.32 -19.68 -16.37
C THR B 22 10.06 -19.39 -17.18
N LEU B 23 8.97 -20.03 -16.79
CA LEU B 23 7.74 -19.91 -17.56
C LEU B 23 7.01 -18.62 -17.20
N THR B 24 6.27 -18.06 -18.16
CA THR B 24 5.45 -16.89 -17.92
C THR B 24 4.08 -17.04 -18.58
N HIS B 25 3.14 -16.22 -18.11
CA HIS B 25 1.74 -16.25 -18.52
C HIS B 25 1.38 -14.84 -18.99
N THR B 26 1.06 -14.69 -20.27
CA THR B 26 0.85 -13.38 -20.86
C THR B 26 -0.51 -12.82 -20.46
N ILE B 27 -0.54 -11.54 -20.07
CA ILE B 27 -1.80 -10.84 -19.88
C ILE B 27 -1.72 -9.52 -20.64
N THR B 28 -2.89 -9.02 -21.03
CA THR B 28 -3.02 -7.71 -21.65
C THR B 28 -4.23 -6.99 -21.05
N ILE B 29 -4.00 -5.77 -20.60
CA ILE B 29 -5.05 -4.89 -20.08
C ILE B 29 -4.98 -3.64 -20.92
N GLY B 30 -5.99 -3.41 -21.76
CA GLY B 30 -5.89 -2.28 -22.69
C GLY B 30 -4.70 -2.47 -23.61
N ASP B 31 -3.82 -1.47 -23.65
CA ASP B 31 -2.58 -1.52 -24.40
C ASP B 31 -1.42 -2.14 -23.63
N VAL B 32 -1.62 -2.49 -22.35
CA VAL B 32 -0.53 -2.87 -21.47
C VAL B 32 -0.37 -4.39 -21.50
N ARG B 33 0.79 -4.86 -21.96
CA ARG B 33 1.10 -6.28 -21.99
C ARG B 33 2.14 -6.63 -20.93
N ARG B 34 1.91 -7.73 -20.21
CA ARG B 34 2.86 -8.19 -19.20
C ARG B 34 3.01 -9.70 -19.28
N GLU B 35 4.22 -10.16 -18.96
CA GLU B 35 4.50 -11.59 -18.83
C GLU B 35 4.58 -11.91 -17.34
N LEU B 36 3.51 -12.50 -16.79
CA LEU B 36 3.50 -12.82 -15.37
C LEU B 36 4.35 -14.05 -15.10
N PRO B 37 5.28 -14.01 -14.15
CA PRO B 37 6.06 -15.21 -13.86
C PRO B 37 5.21 -16.25 -13.17
N ILE B 38 5.41 -17.51 -13.56
CA ILE B 38 4.68 -18.63 -12.97
C ILE B 38 5.50 -19.18 -11.81
N VAL B 39 4.93 -19.10 -10.62
CA VAL B 39 5.68 -19.39 -9.39
C VAL B 39 4.94 -20.48 -8.63
N ARG B 40 5.72 -21.25 -7.87
CA ARG B 40 5.18 -22.37 -7.09
C ARG B 40 4.69 -21.86 -5.74
N VAL B 41 3.48 -22.29 -5.34
CA VAL B 41 2.96 -21.91 -4.03
C VAL B 41 2.61 -23.12 -3.19
N ALA B 42 2.75 -24.33 -3.73
CA ALA B 42 2.45 -25.57 -3.03
C ALA B 42 3.00 -26.71 -3.87
N ASP B 43 2.92 -27.93 -3.31
CA ASP B 43 3.43 -29.10 -4.00
C ASP B 43 2.70 -29.33 -5.31
N ASP B 44 1.41 -29.04 -5.35
CA ASP B 44 0.59 -29.29 -6.53
C ASP B 44 -0.04 -28.01 -7.09
N ALA B 45 0.65 -26.87 -6.95
CA ALA B 45 0.06 -25.62 -7.44
C ALA B 45 1.12 -24.61 -7.83
N ARG B 46 0.97 -24.06 -9.05
CA ARG B 46 1.70 -22.89 -9.48
C ARG B 46 0.72 -21.85 -10.01
N ILE B 47 1.06 -20.56 -9.81
CA ILE B 47 0.19 -19.47 -10.24
C ILE B 47 0.98 -18.49 -11.08
N ALA B 48 0.26 -17.74 -11.91
CA ALA B 48 0.83 -16.59 -12.62
C ALA B 48 0.78 -15.39 -11.69
N PHE B 49 1.94 -14.89 -11.27
CA PHE B 49 1.98 -13.94 -10.18
C PHE B 49 1.84 -12.52 -10.70
N LEU B 50 0.83 -11.81 -10.20
CA LEU B 50 0.53 -10.44 -10.60
C LEU B 50 1.19 -9.47 -9.62
N LYS B 51 2.02 -8.56 -10.12
CA LYS B 51 2.77 -7.63 -9.28
C LYS B 51 2.42 -6.19 -9.66
N LEU B 52 1.55 -5.55 -8.88
CA LEU B 52 1.24 -4.15 -9.10
C LEU B 52 2.31 -3.22 -8.54
N TYR B 53 2.91 -3.60 -7.41
CA TYR B 53 4.06 -2.85 -6.88
C TYR B 53 5.09 -2.61 -7.96
N GLY B 54 5.59 -1.37 -8.03
CA GLY B 54 6.63 -1.06 -8.97
C GLY B 54 6.18 -0.92 -10.40
N ASP B 55 4.85 -0.87 -10.67
CA ASP B 55 4.34 -0.87 -12.06
C ASP B 55 3.20 0.15 -12.15
N VAL B 56 3.56 1.43 -12.30
CA VAL B 56 2.56 2.47 -12.42
C VAL B 56 1.66 2.22 -13.63
N GLU B 57 2.26 1.87 -14.76
CA GLU B 57 1.49 1.73 -15.99
C GLU B 57 0.42 0.65 -15.84
N LEU B 58 0.81 -0.52 -15.32
CA LEU B 58 -0.15 -1.60 -15.11
C LEU B 58 -1.21 -1.22 -14.07
N THR B 59 -0.77 -0.64 -12.95
CA THR B 59 -1.68 -0.23 -11.88
C THR B 59 -2.76 0.70 -12.41
N VAL B 60 -2.34 1.75 -13.12
CA VAL B 60 -3.28 2.74 -13.62
C VAL B 60 -4.19 2.14 -14.71
N ALA B 61 -3.64 1.29 -15.58
CA ALA B 61 -4.48 0.65 -16.59
C ALA B 61 -5.57 -0.20 -15.95
N CYS B 62 -5.20 -0.98 -14.93
CA CYS B 62 -6.14 -1.84 -14.23
C CYS B 62 -7.23 -1.03 -13.54
N ALA B 63 -6.82 0.04 -12.84
CA ALA B 63 -7.79 0.90 -12.16
C ALA B 63 -8.71 1.58 -13.16
N ARG B 64 -8.18 2.02 -14.30
CA ARG B 64 -9.03 2.66 -15.29
C ARG B 64 -10.08 1.68 -15.82
N ALA B 65 -9.63 0.47 -16.15
CA ALA B 65 -10.56 -0.53 -16.67
C ALA B 65 -11.63 -0.87 -15.65
N LEU B 66 -11.24 -1.01 -14.38
CA LEU B 66 -12.22 -1.36 -13.36
C LEU B 66 -13.18 -0.19 -13.09
N ALA B 67 -12.68 1.05 -13.14
CA ALA B 67 -13.55 2.20 -12.95
C ALA B 67 -14.60 2.25 -14.04
N GLY B 68 -14.23 1.85 -15.26
CA GLY B 68 -15.22 1.72 -16.33
C GLY B 68 -16.37 0.79 -16.03
N ARG B 69 -16.22 -0.09 -15.04
CA ARG B 69 -17.29 -1.02 -14.68
C ARG B 69 -18.04 -0.62 -13.42
N MET B 70 -17.65 0.47 -12.79
CA MET B 70 -18.28 0.89 -11.54
C MET B 70 -19.49 1.75 -11.87
N PRO B 71 -20.69 1.41 -11.42
CA PRO B 71 -21.86 2.24 -11.70
C PRO B 71 -21.86 3.52 -10.87
N ALA B 72 -22.69 4.46 -11.33
CA ALA B 72 -22.73 5.79 -10.74
C ALA B 72 -23.18 5.77 -9.29
N ASP B 73 -23.98 4.78 -8.90
CA ASP B 73 -24.52 4.79 -7.56
C ASP B 73 -23.64 4.09 -6.54
N VAL B 74 -22.46 3.59 -6.93
CA VAL B 74 -21.52 3.12 -5.92
C VAL B 74 -21.04 4.30 -5.09
N ASP B 75 -21.18 4.20 -3.76
CA ASP B 75 -20.84 5.31 -2.88
C ASP B 75 -19.40 5.29 -2.39
N VAL B 76 -18.83 4.12 -2.11
CA VAL B 76 -17.49 4.07 -1.53
C VAL B 76 -16.77 2.80 -1.98
N ILE B 77 -15.44 2.87 -2.07
CA ILE B 77 -14.60 1.73 -2.45
C ILE B 77 -13.95 1.19 -1.20
N VAL B 78 -13.93 -0.13 -1.02
CA VAL B 78 -13.31 -0.75 0.16
C VAL B 78 -12.33 -1.82 -0.31
N GLY B 79 -11.09 -1.69 0.12
CA GLY B 79 -10.06 -2.66 -0.24
C GLY B 79 -9.22 -3.07 0.96
N PRO B 80 -8.59 -4.26 0.91
CA PRO B 80 -7.72 -4.69 1.98
C PRO B 80 -6.24 -4.30 1.88
N GLU B 81 -5.59 -4.18 3.04
CA GLU B 81 -4.14 -4.04 3.05
C GLU B 81 -3.63 -5.46 2.80
N THR B 82 -2.72 -5.70 1.85
CA THR B 82 -2.02 -4.75 0.94
C THR B 82 -2.62 -4.80 -0.46
N GLY B 83 -3.32 -5.88 -0.82
CA GLY B 83 -3.83 -6.12 -2.18
C GLY B 83 -4.76 -5.07 -2.80
N GLY B 84 -5.40 -4.24 -1.99
CA GLY B 84 -6.33 -3.25 -2.54
C GLY B 84 -5.81 -1.83 -2.41
N ILE B 85 -4.60 -1.66 -1.92
CA ILE B 85 -4.16 -0.28 -1.61
C ILE B 85 -4.03 0.53 -2.89
N LEU B 86 -3.20 0.06 -3.82
CA LEU B 86 -2.95 0.82 -5.04
C LEU B 86 -4.21 0.90 -5.90
N LEU B 87 -4.94 -0.22 -6.00
CA LEU B 87 -6.15 -0.24 -6.84
C LEU B 87 -7.24 0.66 -6.27
N ALA B 88 -7.48 0.58 -4.96
CA ALA B 88 -8.50 1.45 -4.37
C ALA B 88 -8.11 2.91 -4.51
N HIS B 89 -6.83 3.25 -4.29
CA HIS B 89 -6.39 4.63 -4.42
C HIS B 89 -6.63 5.15 -5.85
N GLU B 90 -6.21 4.37 -6.85
CA GLU B 90 -6.36 4.83 -8.23
C GLU B 90 -7.83 4.83 -8.68
N LEU B 91 -8.63 3.86 -8.21
CA LEU B 91 -10.07 3.88 -8.48
C LEU B 91 -10.72 5.12 -7.91
N ALA B 92 -10.35 5.48 -6.68
CA ALA B 92 -10.89 6.68 -6.06
C ALA B 92 -10.44 7.94 -6.81
N GLU B 93 -9.18 7.99 -7.20
CA GLU B 93 -8.67 9.15 -7.93
C GLU B 93 -9.39 9.30 -9.28
N HIS B 94 -9.63 8.20 -9.98
CA HIS B 94 -10.28 8.29 -11.29
C HIS B 94 -11.77 8.58 -11.16
N SER B 95 -12.41 8.01 -10.14
CA SER B 95 -13.87 8.03 -10.04
C SER B 95 -14.41 9.14 -9.16
N GLY B 96 -13.58 9.73 -8.30
CA GLY B 96 -14.06 10.71 -7.34
C GLY B 96 -14.71 10.13 -6.10
N ARG B 97 -14.99 8.82 -6.04
CA ARG B 97 -15.56 8.24 -4.82
C ARG B 97 -14.51 8.18 -3.70
N PRO B 98 -14.95 8.26 -2.45
CA PRO B 98 -14.03 7.95 -1.33
C PRO B 98 -13.67 6.48 -1.30
N TYR B 99 -12.60 6.17 -0.56
CA TYR B 99 -12.24 4.77 -0.36
C TYR B 99 -11.74 4.55 1.06
N VAL B 100 -11.74 3.27 1.45
CA VAL B 100 -11.38 2.80 2.77
C VAL B 100 -10.46 1.60 2.60
N ILE B 101 -9.41 1.54 3.40
CA ILE B 101 -8.54 0.37 3.47
C ILE B 101 -8.77 -0.32 4.80
N ALA B 102 -9.20 -1.58 4.74
CA ALA B 102 -9.25 -2.45 5.89
C ALA B 102 -7.84 -2.91 6.21
N ARG B 103 -7.33 -2.53 7.38
CA ARG B 103 -5.95 -2.83 7.74
C ARG B 103 -5.81 -4.20 8.38
N LYS B 104 -4.57 -4.73 8.33
CA LYS B 104 -4.21 -6.03 8.88
C LYS B 104 -3.89 -6.01 10.38
N LYS B 105 -3.39 -4.88 10.89
CA LYS B 105 -3.01 -4.71 12.29
C LYS B 105 -3.79 -3.55 12.88
N LEU B 106 -4.02 -3.58 14.19
CA LEU B 106 -4.58 -2.40 14.85
C LEU B 106 -3.58 -1.25 14.83
N ARG B 107 -4.08 -0.05 14.56
CA ARG B 107 -3.26 1.13 14.57
C ARG B 107 -3.79 2.12 15.60
N PRO B 108 -2.93 2.97 16.16
CA PRO B 108 -3.35 3.79 17.32
C PRO B 108 -4.46 4.77 17.01
N ASN B 109 -4.73 5.06 15.74
CA ASN B 109 -5.82 5.96 15.39
C ASN B 109 -7.17 5.24 15.26
N MET B 110 -7.22 3.93 15.48
CA MET B 110 -8.45 3.15 15.34
C MET B 110 -9.18 3.10 16.67
N VAL B 111 -10.33 3.73 16.75
CA VAL B 111 -11.13 3.70 17.97
C VAL B 111 -12.31 2.77 17.74
N LYS B 112 -12.57 1.91 18.73
CA LYS B 112 -13.68 0.98 18.72
C LYS B 112 -13.76 0.18 17.42
N PRO B 113 -12.72 -0.60 17.09
CA PRO B 113 -12.63 -1.19 15.76
C PRO B 113 -13.51 -2.42 15.58
N LEU B 114 -14.01 -2.55 14.37
CA LEU B 114 -14.52 -3.82 13.91
C LEU B 114 -13.36 -4.72 13.49
N ARG B 115 -13.51 -6.02 13.73
CA ARG B 115 -12.50 -7.02 13.41
C ARG B 115 -13.15 -8.25 12.79
N VAL B 116 -12.50 -8.80 11.76
CA VAL B 116 -12.88 -10.12 11.21
C VAL B 116 -11.62 -10.93 10.97
N PRO B 117 -11.74 -12.25 11.01
CA PRO B 117 -10.62 -13.11 10.60
C PRO B 117 -10.63 -13.33 9.10
N VAL B 118 -9.45 -13.66 8.58
CA VAL B 118 -9.30 -14.02 7.18
C VAL B 118 -8.91 -15.50 7.10
N GLN B 119 -9.68 -16.26 6.33
CA GLN B 119 -9.53 -17.71 6.16
C GLN B 119 -9.16 -17.99 4.70
N SER B 120 -7.87 -18.24 4.45
CA SER B 120 -7.38 -18.45 3.07
C SER B 120 -6.60 -19.76 2.86
N GLN B 127 -4.88 -14.59 9.69
CA GLN B 127 -4.93 -13.15 9.39
C GLN B 127 -6.21 -12.50 9.88
N GLU B 128 -6.19 -11.16 9.95
CA GLU B 128 -7.33 -10.38 10.39
C GLU B 128 -7.44 -9.11 9.56
N LEU B 129 -8.65 -8.57 9.50
CA LEU B 129 -8.87 -7.25 8.94
C LEU B 129 -9.63 -6.41 9.96
N PHE B 130 -9.30 -5.11 9.99
CA PHE B 130 -9.88 -4.16 10.94
C PHE B 130 -10.43 -2.94 10.22
N LEU B 131 -11.46 -2.34 10.84
CA LEU B 131 -11.96 -1.03 10.47
C LEU B 131 -12.11 -0.18 11.72
N GLY B 132 -11.49 1.00 11.72
CA GLY B 132 -11.75 1.96 12.77
C GLY B 132 -13.16 2.53 12.65
N GLU B 133 -13.61 3.21 13.71
CA GLU B 133 -14.99 3.68 13.67
C GLU B 133 -15.18 4.75 12.62
N ASP B 134 -14.12 5.46 12.24
CA ASP B 134 -14.20 6.44 11.16
C ASP B 134 -14.41 5.77 9.80
N ASP B 135 -13.59 4.76 9.49
CA ASP B 135 -13.82 3.93 8.31
C ASP B 135 -15.26 3.41 8.29
N ALA B 136 -15.71 2.89 9.44
CA ALA B 136 -17.04 2.27 9.52
C ALA B 136 -18.13 3.29 9.24
N ALA B 137 -18.00 4.50 9.79
CA ALA B 137 -18.97 5.56 9.48
C ALA B 137 -18.96 5.89 8.00
N LEU B 138 -17.79 5.78 7.35
CA LEU B 138 -17.73 5.98 5.91
C LEU B 138 -18.44 4.88 5.14
N ILE B 139 -18.68 3.72 5.76
CA ILE B 139 -19.30 2.59 5.05
C ILE B 139 -20.78 2.47 5.37
N LYS B 140 -21.20 2.86 6.58
CA LYS B 140 -22.57 2.62 7.04
C LYS B 140 -23.60 3.29 6.14
N GLY B 141 -24.55 2.49 5.66
CA GLY B 141 -25.59 2.97 4.79
C GLY B 141 -25.17 3.27 3.37
N ARG B 142 -23.98 2.82 2.95
CA ARG B 142 -23.48 3.09 1.61
C ARG B 142 -23.53 1.84 0.74
N ARG B 143 -23.63 2.08 -0.57
CA ARG B 143 -23.34 1.07 -1.57
C ARG B 143 -21.83 1.00 -1.78
N VAL B 144 -21.28 -0.22 -1.63
CA VAL B 144 -19.84 -0.43 -1.54
C VAL B 144 -19.37 -1.21 -2.76
N ALA B 145 -18.27 -0.75 -3.36
CA ALA B 145 -17.54 -1.59 -4.31
C ALA B 145 -16.32 -2.15 -3.58
N VAL B 146 -16.30 -3.46 -3.40
CA VAL B 146 -15.17 -4.13 -2.79
C VAL B 146 -14.12 -4.40 -3.87
N VAL B 147 -12.85 -4.08 -3.60
CA VAL B 147 -11.78 -4.28 -4.59
C VAL B 147 -10.58 -5.02 -3.98
N ASP B 148 -9.97 -5.90 -4.76
CA ASP B 148 -8.69 -6.49 -4.37
C ASP B 148 -8.01 -6.95 -5.64
N GLU B 149 -6.68 -7.12 -5.57
CA GLU B 149 -5.93 -7.36 -6.80
C GLU B 149 -6.29 -8.70 -7.45
N VAL B 150 -6.39 -9.77 -6.65
CA VAL B 150 -6.70 -11.10 -7.17
C VAL B 150 -7.63 -11.81 -6.20
N ILE B 151 -8.59 -12.54 -6.72
CA ILE B 151 -9.47 -13.37 -5.90
C ILE B 151 -9.16 -14.82 -6.24
N SER B 152 -8.71 -15.58 -5.24
CA SER B 152 -8.35 -16.98 -5.45
C SER B 152 -9.32 -17.90 -4.73
N SER B 153 -9.03 -18.21 -3.46
CA SER B 153 -9.93 -19.05 -2.69
C SER B 153 -11.18 -18.30 -2.27
N GLY B 154 -11.13 -16.97 -2.25
CA GLY B 154 -12.25 -16.18 -1.80
C GLY B 154 -12.27 -15.85 -0.33
N GLY B 155 -11.25 -16.26 0.43
CA GLY B 155 -11.26 -15.98 1.86
C GLY B 155 -11.17 -14.50 2.17
N THR B 156 -10.28 -13.79 1.48
CA THR B 156 -10.18 -12.36 1.70
C THR B 156 -11.49 -11.67 1.36
N LEU B 157 -12.07 -12.02 0.22
CA LEU B 157 -13.35 -11.44 -0.17
C LEU B 157 -14.44 -11.71 0.87
N LYS B 158 -14.50 -12.93 1.40
CA LYS B 158 -15.48 -13.21 2.45
C LYS B 158 -15.25 -12.33 3.68
N ALA B 159 -13.99 -12.15 4.10
CA ALA B 159 -13.71 -11.25 5.21
C ALA B 159 -14.18 -9.83 4.91
N LEU B 160 -13.97 -9.37 3.68
CA LEU B 160 -14.36 -8.02 3.30
C LEU B 160 -15.88 -7.85 3.32
N HIS B 161 -16.59 -8.85 2.78
CA HIS B 161 -18.05 -8.86 2.85
C HIS B 161 -18.52 -8.74 4.30
N GLU B 162 -17.89 -9.52 5.19
CA GLU B 162 -18.27 -9.51 6.60
C GLU B 162 -18.06 -8.15 7.22
N LEU B 163 -16.89 -7.56 6.96
CA LEU B 163 -16.57 -6.26 7.53
C LEU B 163 -17.57 -5.21 7.08
N VAL B 164 -17.84 -5.17 5.77
CA VAL B 164 -18.81 -4.22 5.22
C VAL B 164 -20.19 -4.43 5.84
N ALA B 165 -20.63 -5.69 5.95
CA ALA B 165 -21.92 -5.97 6.57
C ALA B 165 -21.95 -5.52 8.01
N ALA B 166 -20.87 -5.79 8.75
CA ALA B 166 -20.84 -5.39 10.16
C ALA B 166 -20.82 -3.87 10.30
N ALA B 167 -20.30 -3.15 9.31
CA ALA B 167 -20.26 -1.70 9.36
C ALA B 167 -21.55 -1.04 8.90
N GLY B 168 -22.53 -1.83 8.45
CA GLY B 168 -23.80 -1.29 8.00
C GLY B 168 -23.87 -0.93 6.53
N GLY B 169 -22.88 -1.36 5.71
CA GLY B 169 -22.94 -1.13 4.29
C GLY B 169 -23.50 -2.32 3.54
N THR B 170 -23.68 -2.14 2.23
CA THR B 170 -24.12 -3.20 1.33
C THR B 170 -23.09 -3.34 0.23
N VAL B 171 -22.59 -4.56 0.01
CA VAL B 171 -21.68 -4.79 -1.12
C VAL B 171 -22.51 -4.80 -2.39
N GLN B 172 -22.35 -3.78 -3.22
CA GLN B 172 -23.05 -3.72 -4.50
C GLN B 172 -22.27 -4.42 -5.61
N GLN B 173 -20.95 -4.50 -5.47
CA GLN B 173 -20.10 -4.89 -6.58
C GLN B 173 -18.76 -5.35 -6.03
N VAL B 174 -18.17 -6.34 -6.70
CA VAL B 174 -16.83 -6.84 -6.38
C VAL B 174 -15.95 -6.62 -7.62
N LEU B 175 -14.82 -5.92 -7.44
CA LEU B 175 -13.90 -5.60 -8.52
C LEU B 175 -12.55 -6.28 -8.28
N THR B 176 -11.97 -6.87 -9.33
CA THR B 176 -10.63 -7.45 -9.18
C THR B 176 -9.93 -7.44 -10.53
N VAL B 177 -8.59 -7.43 -10.50
CA VAL B 177 -7.86 -7.63 -11.75
C VAL B 177 -8.08 -9.04 -12.28
N ALA B 178 -8.07 -10.03 -11.40
CA ALA B 178 -8.10 -11.43 -11.82
C ALA B 178 -8.83 -12.27 -10.80
N THR B 179 -9.78 -13.08 -11.27
CA THR B 179 -10.10 -14.27 -10.52
C THR B 179 -9.06 -15.35 -10.83
N GLU B 180 -8.96 -16.32 -9.94
CA GLU B 180 -7.91 -17.32 -10.04
C GLU B 180 -8.45 -18.66 -9.60
N GLY B 181 -8.27 -19.68 -10.42
CA GLY B 181 -8.81 -20.99 -10.08
C GLY B 181 -10.21 -21.16 -10.62
N GLU B 182 -11.20 -21.07 -9.74
CA GLU B 182 -12.60 -21.04 -10.18
C GLU B 182 -12.98 -19.69 -10.77
N ARG B 183 -13.72 -19.73 -11.87
CA ARG B 183 -14.35 -18.52 -12.39
C ARG B 183 -15.48 -18.08 -11.47
N ARG B 184 -15.72 -16.76 -11.45
CA ARG B 184 -16.72 -16.15 -10.56
C ARG B 184 -17.52 -15.15 -11.37
N PRO B 185 -18.64 -15.58 -11.96
CA PRO B 185 -19.40 -14.66 -12.82
C PRO B 185 -20.00 -13.49 -12.07
N ASP B 186 -20.18 -13.59 -10.76
CA ASP B 186 -20.73 -12.50 -9.96
C ASP B 186 -19.74 -11.38 -9.69
N VAL B 187 -18.45 -11.52 -10.02
CA VAL B 187 -17.48 -10.47 -9.74
C VAL B 187 -17.04 -9.86 -11.06
N GLU B 188 -16.70 -8.58 -11.02
CA GLU B 188 -16.15 -7.89 -12.18
C GLU B 188 -14.64 -8.09 -12.16
N SER B 189 -14.13 -8.89 -13.08
CA SER B 189 -12.71 -9.14 -13.19
C SER B 189 -12.23 -8.68 -14.56
N LEU B 190 -10.95 -8.30 -14.63
CA LEU B 190 -10.36 -8.00 -15.93
C LEU B 190 -9.94 -9.27 -16.65
N LEU B 191 -9.71 -10.36 -15.91
CA LEU B 191 -9.25 -11.60 -16.53
C LEU B 191 -9.40 -12.75 -15.54
N HIS B 192 -9.12 -13.94 -16.03
CA HIS B 192 -9.13 -15.15 -15.22
C HIS B 192 -7.77 -15.83 -15.33
N LEU B 193 -7.19 -16.17 -14.16
CA LEU B 193 -5.90 -16.85 -14.09
C LEU B 193 -6.09 -18.30 -13.69
N PRO B 194 -5.45 -19.25 -14.36
CA PRO B 194 -5.55 -20.65 -13.93
C PRO B 194 -4.64 -20.91 -12.74
N VAL B 195 -4.99 -21.96 -11.99
CA VAL B 195 -4.10 -22.57 -11.02
C VAL B 195 -3.52 -23.80 -11.70
N TYR B 196 -2.22 -23.78 -11.93
CA TYR B 196 -1.55 -24.84 -12.70
C TYR B 196 -1.20 -26.01 -11.81
N THR B 197 -1.65 -27.22 -12.22
CA THR B 197 -1.39 -28.45 -11.49
C THR B 197 -0.31 -29.32 -12.12
N ASP B 198 0.14 -29.00 -13.34
CA ASP B 198 1.16 -29.78 -14.00
C ASP B 198 2.43 -28.96 -14.20
C1 0TL C . 2.62 9.09 12.48
C2 0TL C . 1.61 7.78 10.86
C3 0TL C . 3.51 7.03 11.66
C4 0TL C . 3.63 8.11 12.52
C5 0TL C . 5.34 6.88 12.87
O5 0TL C . 10.62 4.47 14.02
C6 0TL C . 4.96 4.99 11.25
C7 0TL C . 4.00 3.91 11.72
O1 0TL C . 3.99 3.84 13.13
C10 0TL C . 6.50 4.95 9.33
C11 0TL C . 5.02 5.07 9.71
C8 0TL C . 7.14 4.30 10.56
C9 0TL C . 8.58 4.69 10.80
N1 0TL C . 2.64 10.18 13.23
N2 0TL C . 1.61 8.88 11.61
N3 0TL C . 2.51 6.79 10.81
N4 0TL C . 4.79 8.00 13.27
N5 0TL C . 4.61 6.25 11.90
O2 0TL C . 6.31 4.69 11.68
O3 0TL C . 9.00 4.33 12.12
O4 0TL C . 11.21 3.12 11.95
O6 0TL C . 11.18 5.63 11.84
O7 0TL C . 6.72 4.15 8.18
O8 0TL C . 4.28 4.00 9.16
P1 0TL C . 10.59 4.40 12.50
CA CA D . -2.47 8.60 -9.50
C1 0TL E . -1.55 -13.91 -7.91
C2 0TL E . -0.68 -12.01 -6.92
C3 0TL E . -2.04 -13.21 -5.68
C4 0TL E . -2.23 -14.12 -6.70
C5 0TL E . -3.43 -14.79 -5.05
O5 0TL E . -8.08 -15.02 0.02
C6 0TL E . -2.99 -12.98 -3.31
C7 0TL E . -1.73 -13.12 -2.48
O1 0TL E . -1.36 -14.49 -2.41
C10 0TL E . -4.92 -11.49 -2.91
C11 0TL E . -3.47 -11.52 -3.41
C8 0TL E . -5.04 -12.80 -2.11
C9 0TL E . -6.42 -13.42 -2.19
N1 0TL E . -1.67 -14.69 -8.98
N2 0TL E . -0.77 -12.81 -7.99
N3 0TL E . -1.26 -12.12 -5.73
N4 0TL E . -3.11 -15.13 -6.28
N5 0TL E . -2.81 -13.63 -4.63
O2 0TL E . -4.06 -13.69 -2.67
O3 0TL E . -6.36 -14.79 -1.78
O4 0TL E . -7.37 -17.01 -1.38
O6 0TL E . -8.76 -15.18 -2.40
O7 0TL E . -5.28 -10.39 -2.08
O8 0TL E . -2.65 -10.63 -2.68
P1 0TL E . -7.72 -15.54 -1.37
#